data_3V44
#
_entry.id   3V44
#
_cell.length_a   98.330
_cell.length_b   98.330
_cell.length_c   195.103
_cell.angle_alpha   90.00
_cell.angle_beta   90.00
_cell.angle_gamma   90.00
#
_symmetry.space_group_name_H-M   'P 43 21 2'
#
loop_
_entity.id
_entity.type
_entity.pdbx_description
1 polymer 'Toll-like receptor 5b and variable lymphocyte receptor B.61 chimeric protein'
2 non-polymer 2-acetamido-2-deoxy-beta-D-glucopyranose
3 water water
#
_entity_poly.entity_id   1
_entity_poly.type   'polypeptide(L)'
_entity_poly.pdbx_seq_one_letter_code
;ADPGTSECSVIGYNAICINRGLHQVPELPAHVNYVDLSLNSIAELNETSFSRLQDLQFLKVEQQTPGLVIRNNTFRGLSS
LIILKLDYNQFLQLETGAFNGLANLEVLTLTQCNLDGAVLSGNFFKPLTSLEMLVLRDNNIKKIQPASFFLNMRRFHVLD
LTFNKVKSICEEDLLNFQGKHFTLLRLSSITLQDMNEYWLGWEKCGNPFKNTSITTLDLSGNGFKESMAKRFFDAIAGTK
IQSLILSNSYNMGSSFGHTNFKDPDNFTFKGLEASGVKTCDLSKSKIFALLKSVFSHFTDLEQLTLAQNEINKIDDNAFW
GLTHLKELALDTNQLKSVPDGIFDRLTSLQKIWLHTNPWDCSCPRIDYLSRWLNKNSQKEQGSAKCSGSGKPVRSIICPT
SASLVPR
;
_entity_poly.pdbx_strand_id   A
#
# COMPACT_ATOMS: atom_id res chain seq x y z
N GLU A 7 33.18 2.03 -24.36
CA GLU A 7 33.24 3.37 -23.74
C GLU A 7 32.77 3.29 -22.28
N CYS A 8 32.83 2.09 -21.67
CA CYS A 8 32.33 1.89 -20.27
C CYS A 8 33.31 2.45 -19.25
N SER A 9 32.80 2.68 -18.04
CA SER A 9 33.62 3.03 -16.89
C SER A 9 33.70 1.84 -15.95
N VAL A 10 34.81 1.10 -16.03
CA VAL A 10 35.04 -0.07 -15.19
C VAL A 10 35.99 0.26 -14.01
N ILE A 11 35.44 0.29 -12.80
CA ILE A 11 36.20 0.54 -11.57
C ILE A 11 35.99 -0.62 -10.58
N GLY A 12 36.91 -1.58 -10.62
CA GLY A 12 36.93 -2.71 -9.69
C GLY A 12 36.05 -3.87 -10.10
N TYR A 13 34.99 -4.11 -9.32
CA TYR A 13 33.98 -5.13 -9.63
C TYR A 13 32.79 -4.52 -10.39
N ASN A 14 32.74 -3.19 -10.44
CA ASN A 14 31.63 -2.44 -11.07
C ASN A 14 31.88 -2.00 -12.52
N ALA A 15 30.90 -2.19 -13.39
CA ALA A 15 30.97 -1.68 -14.76
C ALA A 15 29.72 -0.84 -15.03
N ILE A 16 29.90 0.46 -15.22
CA ILE A 16 28.79 1.36 -15.51
C ILE A 16 28.84 1.69 -16.98
N CYS A 17 27.91 1.12 -17.74
CA CYS A 17 27.85 1.34 -19.17
C CYS A 17 26.62 2.14 -19.54
N ILE A 18 26.20 3.05 -18.66
CA ILE A 18 24.96 3.80 -18.86
C ILE A 18 25.12 4.75 -20.02
N ASN A 19 24.15 4.75 -20.93
CA ASN A 19 24.04 5.73 -22.00
C ASN A 19 25.33 5.91 -22.80
N ARG A 20 25.72 4.87 -23.51
CA ARG A 20 26.92 4.91 -24.35
C ARG A 20 26.68 4.49 -25.80
N GLY A 21 25.42 4.41 -26.23
CA GLY A 21 25.11 4.04 -27.61
C GLY A 21 25.53 2.64 -28.00
N LEU A 22 25.49 1.72 -27.03
CA LEU A 22 25.86 0.33 -27.26
C LEU A 22 24.73 -0.43 -27.94
N HIS A 23 25.07 -1.28 -28.90
CA HIS A 23 24.06 -2.13 -29.56
C HIS A 23 24.17 -3.60 -29.16
N GLN A 24 25.23 -3.97 -28.43
CA GLN A 24 25.43 -5.32 -27.88
C GLN A 24 26.11 -5.21 -26.51
N VAL A 25 26.11 -6.29 -25.72
CA VAL A 25 26.85 -6.28 -24.47
C VAL A 25 28.34 -6.19 -24.78
N PRO A 26 29.02 -5.14 -24.28
CA PRO A 26 30.42 -4.94 -24.64
C PRO A 26 31.38 -5.88 -23.93
N GLU A 27 32.61 -5.95 -24.44
CA GLU A 27 33.65 -6.71 -23.76
C GLU A 27 33.95 -6.05 -22.42
N LEU A 28 33.63 -6.76 -21.34
CA LEU A 28 33.99 -6.33 -19.99
C LEU A 28 34.90 -7.40 -19.38
N PRO A 29 35.63 -7.03 -18.31
CA PRO A 29 36.47 -8.02 -17.65
C PRO A 29 35.64 -9.11 -16.97
N ALA A 30 36.13 -10.34 -17.04
CA ALA A 30 35.38 -11.53 -16.62
C ALA A 30 35.11 -11.62 -15.12
N HIS A 31 35.69 -10.72 -14.33
CA HIS A 31 35.59 -10.76 -12.86
C HIS A 31 34.50 -9.86 -12.27
N VAL A 32 33.79 -9.12 -13.12
CA VAL A 32 32.81 -8.11 -12.66
C VAL A 32 31.53 -8.73 -12.11
N ASN A 33 30.99 -8.14 -11.04
CA ASN A 33 29.74 -8.60 -10.43
C ASN A 33 28.60 -7.59 -10.43
N TYR A 34 28.86 -6.35 -10.87
CA TYR A 34 27.83 -5.30 -10.98
C TYR A 34 27.94 -4.65 -12.36
N VAL A 35 26.89 -4.82 -13.19
CA VAL A 35 26.87 -4.25 -14.53
C VAL A 35 25.56 -3.53 -14.81
N ASP A 36 25.67 -2.29 -15.25
CA ASP A 36 24.53 -1.46 -15.58
C ASP A 36 24.63 -1.04 -17.04
N LEU A 37 23.66 -1.48 -17.87
CA LEU A 37 23.66 -1.21 -19.30
C LEU A 37 22.42 -0.42 -19.68
N SER A 38 21.82 0.23 -18.70
CA SER A 38 20.63 1.03 -18.95
C SER A 38 20.88 2.11 -20.01
N LEU A 39 19.78 2.50 -20.65
CA LEU A 39 19.75 3.60 -21.60
C LEU A 39 20.67 3.36 -22.80
N ASN A 40 20.50 2.23 -23.46
CA ASN A 40 21.29 1.92 -24.65
C ASN A 40 20.38 1.45 -25.80
N SER A 41 20.99 1.06 -26.92
CA SER A 41 20.23 0.55 -28.07
C SER A 41 20.34 -0.96 -28.28
N ILE A 42 20.50 -1.74 -27.19
CA ILE A 42 20.59 -3.19 -27.29
C ILE A 42 19.21 -3.75 -27.66
N ALA A 43 19.15 -4.46 -28.78
CA ALA A 43 17.89 -4.91 -29.37
C ALA A 43 17.53 -6.33 -28.95
N GLU A 44 18.53 -7.14 -28.64
CA GLU A 44 18.29 -8.51 -28.21
C GLU A 44 19.39 -9.06 -27.28
N LEU A 45 18.95 -9.85 -26.30
CA LEU A 45 19.82 -10.52 -25.35
C LEU A 45 19.65 -12.01 -25.52
N ASN A 46 20.76 -12.70 -25.76
CA ASN A 46 20.71 -14.14 -25.98
C ASN A 46 21.71 -14.86 -25.07
N GLU A 47 21.92 -16.16 -25.28
CA GLU A 47 22.86 -16.92 -24.42
C GLU A 47 24.28 -16.35 -24.51
N THR A 48 24.66 -15.75 -25.65
CA THR A 48 26.04 -15.26 -25.81
C THR A 48 26.20 -13.86 -25.23
N SER A 49 25.10 -13.24 -24.82
CA SER A 49 25.19 -11.92 -24.19
C SER A 49 26.02 -11.94 -22.90
N PHE A 50 25.72 -12.86 -21.98
CA PHE A 50 26.42 -12.89 -20.71
C PHE A 50 27.22 -14.18 -20.47
N SER A 51 27.75 -14.77 -21.54
CA SER A 51 28.49 -16.02 -21.43
C SER A 51 29.91 -15.83 -20.87
N ARG A 52 30.36 -14.57 -20.76
CA ARG A 52 31.69 -14.27 -20.20
C ARG A 52 31.63 -13.47 -18.91
N LEU A 53 30.44 -13.08 -18.50
CA LEU A 53 30.25 -12.33 -17.27
C LEU A 53 29.58 -13.23 -16.25
N GLN A 54 30.11 -14.44 -16.08
CA GLN A 54 29.41 -15.48 -15.34
C GLN A 54 29.25 -15.19 -13.86
N ASP A 55 29.93 -14.17 -13.34
CA ASP A 55 29.95 -13.89 -11.89
C ASP A 55 28.99 -12.79 -11.43
N LEU A 56 28.11 -12.31 -12.32
CA LEU A 56 27.29 -11.15 -12.02
C LEU A 56 26.40 -11.43 -10.81
N GLN A 57 26.25 -10.42 -9.96
CA GLN A 57 25.27 -10.46 -8.88
C GLN A 57 24.13 -9.49 -9.12
N PHE A 58 24.47 -8.32 -9.66
CA PHE A 58 23.51 -7.25 -9.91
C PHE A 58 23.57 -6.87 -11.38
N LEU A 59 22.47 -7.10 -12.10
CA LEU A 59 22.39 -6.73 -13.51
C LEU A 59 21.25 -5.74 -13.72
N LYS A 60 21.54 -4.66 -14.44
CA LYS A 60 20.55 -3.66 -14.72
C LYS A 60 20.58 -3.33 -16.20
N VAL A 61 19.49 -3.60 -16.91
CA VAL A 61 19.36 -3.24 -18.32
C VAL A 61 18.04 -2.48 -18.57
N GLU A 62 17.82 -1.40 -17.84
CA GLU A 62 16.63 -0.60 -17.99
C GLU A 62 16.64 0.20 -19.29
N GLN A 63 15.44 0.60 -19.69
CA GLN A 63 15.16 1.48 -20.83
C GLN A 63 16.06 1.39 -22.06
N GLN A 64 16.01 0.27 -22.76
CA GLN A 64 16.66 0.23 -24.06
C GLN A 64 15.73 0.89 -25.06
N THR A 65 16.22 1.16 -26.26
CA THR A 65 15.32 1.54 -27.34
C THR A 65 14.20 0.49 -27.34
N PRO A 66 12.98 0.91 -27.69
CA PRO A 66 11.84 0.01 -27.58
C PRO A 66 11.98 -1.33 -28.32
N GLY A 67 11.41 -2.37 -27.74
CA GLY A 67 11.24 -3.66 -28.41
C GLY A 67 12.28 -4.73 -28.07
N LEU A 68 12.95 -4.57 -26.93
CA LEU A 68 13.96 -5.52 -26.47
C LEU A 68 13.43 -6.94 -26.44
N VAL A 69 14.22 -7.87 -26.97
CA VAL A 69 13.87 -9.29 -26.99
C VAL A 69 14.85 -10.02 -26.08
N ILE A 70 14.35 -10.84 -25.17
CA ILE A 70 15.21 -11.66 -24.32
C ILE A 70 14.98 -13.13 -24.69
N ARG A 71 16.03 -13.75 -25.23
CA ARG A 71 15.95 -15.10 -25.77
C ARG A 71 16.09 -16.17 -24.68
N ASN A 72 15.69 -17.39 -25.02
CA ASN A 72 15.88 -18.57 -24.16
C ASN A 72 17.33 -18.70 -23.73
N ASN A 73 17.52 -18.99 -22.44
CA ASN A 73 18.84 -19.27 -21.87
C ASN A 73 19.81 -18.09 -21.88
N THR A 74 19.28 -16.87 -21.93
CA THR A 74 20.14 -15.67 -21.85
C THR A 74 20.94 -15.69 -20.56
N PHE A 75 20.32 -16.16 -19.48
CA PHE A 75 20.97 -16.19 -18.17
C PHE A 75 21.45 -17.60 -17.72
N ARG A 76 21.64 -18.55 -18.65
CA ARG A 76 22.15 -19.89 -18.27
C ARG A 76 23.45 -19.73 -17.48
N GLY A 77 23.44 -20.21 -16.24
CA GLY A 77 24.65 -20.22 -15.43
C GLY A 77 25.13 -18.86 -14.92
N LEU A 78 24.20 -17.92 -14.69
CA LEU A 78 24.50 -16.78 -13.83
C LEU A 78 23.95 -17.12 -12.44
N SER A 79 24.45 -18.22 -11.89
CA SER A 79 23.95 -18.73 -10.60
C SER A 79 24.23 -17.79 -9.43
N SER A 80 24.96 -16.71 -9.67
CA SER A 80 25.28 -15.73 -8.64
C SER A 80 24.35 -14.51 -8.68
N LEU A 81 23.55 -14.38 -9.73
CA LEU A 81 22.74 -13.19 -9.96
C LEU A 81 21.59 -13.12 -8.95
N ILE A 82 21.51 -12.00 -8.22
CA ILE A 82 20.47 -11.81 -7.21
C ILE A 82 19.41 -10.77 -7.62
N ILE A 83 19.88 -9.66 -8.23
CA ILE A 83 19.02 -8.56 -8.63
C ILE A 83 19.13 -8.37 -10.14
N LEU A 84 17.98 -8.41 -10.82
CA LEU A 84 17.86 -8.14 -12.26
C LEU A 84 16.76 -7.11 -12.46
N LYS A 85 17.13 -5.99 -13.07
CA LYS A 85 16.23 -4.88 -13.33
C LYS A 85 16.12 -4.69 -14.84
N LEU A 86 14.91 -4.82 -15.36
CA LEU A 86 14.63 -4.75 -16.80
C LEU A 86 13.54 -3.72 -17.11
N ASP A 87 13.43 -2.72 -16.23
CA ASP A 87 12.33 -1.76 -16.27
C ASP A 87 12.34 -0.84 -17.50
N TYR A 88 11.17 -0.27 -17.79
CA TYR A 88 11.01 0.79 -18.79
C TYR A 88 11.46 0.39 -20.22
N ASN A 89 11.29 -0.89 -20.54
CA ASN A 89 11.61 -1.44 -21.87
C ASN A 89 10.32 -1.62 -22.66
N GLN A 90 9.99 -0.61 -23.45
CA GLN A 90 8.69 -0.56 -24.12
C GLN A 90 8.49 -1.81 -24.97
N PHE A 91 7.33 -2.44 -24.80
CA PHE A 91 6.92 -3.60 -25.60
C PHE A 91 7.91 -4.74 -25.49
N LEU A 92 8.23 -5.13 -24.27
CA LEU A 92 9.26 -6.13 -24.05
C LEU A 92 8.81 -7.47 -24.61
N GLN A 93 9.72 -8.18 -25.27
CA GLN A 93 9.48 -9.53 -25.75
C GLN A 93 10.34 -10.55 -24.99
N LEU A 94 9.69 -11.44 -24.24
CA LEU A 94 10.37 -12.50 -23.54
C LEU A 94 10.07 -13.82 -24.23
N GLU A 95 11.11 -14.54 -24.65
CA GLU A 95 10.94 -15.94 -25.01
C GLU A 95 10.69 -16.65 -23.67
N THR A 96 9.91 -17.73 -23.67
CA THR A 96 9.34 -18.20 -22.40
C THR A 96 10.32 -18.92 -21.48
N GLY A 97 11.51 -19.24 -21.96
CA GLY A 97 12.59 -19.72 -21.10
C GLY A 97 13.63 -18.64 -20.86
N ALA A 98 13.20 -17.37 -20.85
CA ALA A 98 14.10 -16.23 -20.83
C ALA A 98 14.95 -16.22 -19.58
N PHE A 99 14.35 -16.61 -18.47
CA PHE A 99 15.02 -16.57 -17.18
C PHE A 99 15.57 -17.92 -16.69
N ASN A 100 15.79 -18.88 -17.60
CA ASN A 100 16.40 -20.16 -17.21
C ASN A 100 17.72 -19.98 -16.47
N GLY A 101 18.01 -20.86 -15.52
CA GLY A 101 19.26 -20.79 -14.78
C GLY A 101 19.24 -19.89 -13.56
N LEU A 102 18.39 -18.88 -13.52
CA LEU A 102 18.36 -17.93 -12.41
C LEU A 102 17.78 -18.50 -11.10
N ALA A 103 18.26 -19.66 -10.66
CA ALA A 103 17.68 -20.31 -9.46
C ALA A 103 17.87 -19.49 -8.15
N ASN A 104 18.82 -18.56 -8.13
CA ASN A 104 19.11 -17.78 -6.94
C ASN A 104 18.62 -16.33 -6.98
N LEU A 105 17.96 -15.94 -8.08
CA LEU A 105 17.47 -14.58 -8.22
C LEU A 105 16.44 -14.27 -7.12
N GLU A 106 16.59 -13.12 -6.46
CA GLU A 106 15.70 -12.70 -5.37
C GLU A 106 14.84 -11.47 -5.68
N VAL A 107 15.36 -10.57 -6.51
CA VAL A 107 14.59 -9.43 -7.00
C VAL A 107 14.55 -9.42 -8.52
N LEU A 108 13.34 -9.28 -9.08
CA LEU A 108 13.11 -9.02 -10.51
C LEU A 108 12.19 -7.81 -10.62
N THR A 109 12.61 -6.74 -11.33
CA THR A 109 11.74 -5.58 -11.53
C THR A 109 11.52 -5.36 -13.02
N LEU A 110 10.23 -5.20 -13.38
CA LEU A 110 9.76 -5.16 -14.76
C LEU A 110 8.65 -4.06 -14.90
N THR A 111 8.90 -2.92 -14.30
CA THR A 111 7.97 -1.81 -14.41
C THR A 111 7.91 -1.32 -15.87
N GLN A 112 6.70 -1.02 -16.30
CA GLN A 112 6.44 -0.37 -17.57
C GLN A 112 7.04 -1.06 -18.78
N CYS A 113 6.75 -2.34 -18.96
CA CYS A 113 7.25 -3.07 -20.13
C CYS A 113 6.12 -3.59 -21.02
N ASN A 114 4.95 -2.98 -20.88
CA ASN A 114 3.74 -3.36 -21.62
C ASN A 114 3.34 -4.83 -21.43
N LEU A 115 3.69 -5.39 -20.28
CA LEU A 115 3.45 -6.79 -19.99
C LEU A 115 1.97 -6.98 -19.67
N ASP A 116 1.44 -8.19 -19.88
CA ASP A 116 0.10 -8.53 -19.43
C ASP A 116 0.07 -9.82 -18.58
N GLY A 117 -1.13 -10.29 -18.28
CA GLY A 117 -1.36 -11.44 -17.38
C GLY A 117 -0.51 -12.65 -17.70
N ALA A 118 -0.21 -12.85 -18.98
CA ALA A 118 0.57 -13.99 -19.39
C ALA A 118 1.89 -14.07 -18.60
N VAL A 119 2.43 -12.93 -18.19
CA VAL A 119 3.72 -12.94 -17.55
C VAL A 119 3.64 -13.73 -16.23
N LEU A 120 2.53 -13.63 -15.52
CA LEU A 120 2.29 -14.37 -14.27
C LEU A 120 1.66 -15.73 -14.49
N SER A 121 0.99 -15.97 -15.62
CA SER A 121 0.26 -17.25 -15.82
C SER A 121 1.02 -18.28 -16.64
N GLY A 122 1.98 -17.81 -17.42
CA GLY A 122 2.85 -18.72 -18.16
C GLY A 122 4.04 -19.11 -17.32
N ASN A 123 5.00 -19.77 -17.96
CA ASN A 123 6.15 -20.34 -17.27
C ASN A 123 7.37 -19.41 -17.23
N PHE A 124 7.19 -18.17 -17.62
CA PHE A 124 8.29 -17.19 -17.60
C PHE A 124 9.03 -17.20 -16.26
N PHE A 125 8.29 -17.17 -15.16
CA PHE A 125 8.91 -17.12 -13.84
C PHE A 125 9.15 -18.48 -13.15
N LYS A 126 8.91 -19.59 -13.86
CA LYS A 126 9.10 -20.92 -13.26
C LYS A 126 10.55 -21.21 -12.79
N PRO A 127 11.56 -20.75 -13.53
CA PRO A 127 12.93 -20.95 -13.05
C PRO A 127 13.30 -20.19 -11.78
N LEU A 128 12.49 -19.21 -11.38
CA LEU A 128 12.84 -18.28 -10.30
C LEU A 128 12.46 -18.80 -8.90
N THR A 129 12.96 -19.98 -8.55
CA THR A 129 12.60 -20.63 -7.29
C THR A 129 12.94 -19.78 -6.05
N SER A 130 13.85 -18.81 -6.16
CA SER A 130 14.25 -18.00 -4.98
C SER A 130 13.58 -16.63 -4.90
N LEU A 131 12.68 -16.33 -5.83
CA LEU A 131 12.19 -14.97 -5.97
C LEU A 131 11.45 -14.53 -4.69
N GLU A 132 11.87 -13.40 -4.16
CA GLU A 132 11.21 -12.77 -3.04
C GLU A 132 10.39 -11.56 -3.46
N MET A 133 10.90 -10.81 -4.43
CA MET A 133 10.37 -9.49 -4.75
C MET A 133 10.12 -9.37 -6.25
N LEU A 134 8.88 -9.15 -6.65
CA LEU A 134 8.53 -8.95 -8.04
C LEU A 134 7.83 -7.61 -8.21
N VAL A 135 8.43 -6.69 -8.92
CA VAL A 135 7.82 -5.38 -9.15
C VAL A 135 7.27 -5.32 -10.60
N LEU A 136 5.95 -5.18 -10.73
CA LEU A 136 5.29 -5.18 -12.04
C LEU A 136 4.42 -3.93 -12.24
N ARG A 137 4.89 -2.76 -11.79
CA ARG A 137 4.05 -1.57 -11.86
C ARG A 137 3.75 -1.15 -13.29
N ASP A 138 2.62 -0.49 -13.46
CA ASP A 138 2.39 0.36 -14.63
C ASP A 138 2.55 -0.44 -15.91
N ASN A 139 2.10 -1.69 -15.82
CA ASN A 139 1.99 -2.59 -16.94
C ASN A 139 0.51 -2.67 -17.36
N ASN A 140 0.14 -3.73 -18.08
CA ASN A 140 -1.23 -3.97 -18.54
C ASN A 140 -1.80 -5.30 -18.02
N ILE A 141 -1.49 -5.65 -16.78
CA ILE A 141 -2.05 -6.86 -16.18
C ILE A 141 -3.51 -6.62 -15.82
N LYS A 142 -4.46 -7.36 -16.41
CA LYS A 142 -5.91 -7.20 -16.10
C LYS A 142 -6.38 -8.18 -15.03
N LYS A 143 -5.70 -9.32 -14.90
CA LYS A 143 -6.07 -10.32 -13.92
C LYS A 143 -4.85 -10.97 -13.32
N ILE A 144 -4.83 -11.08 -11.99
CA ILE A 144 -3.67 -11.57 -11.27
C ILE A 144 -3.87 -13.08 -11.15
N GLN A 145 -3.22 -13.85 -12.03
CA GLN A 145 -3.49 -15.30 -12.16
C GLN A 145 -2.20 -16.15 -12.15
N PRO A 146 -1.46 -16.12 -11.04
CA PRO A 146 -0.18 -16.81 -10.90
C PRO A 146 -0.27 -18.29 -11.20
N ALA A 147 0.72 -18.80 -11.94
CA ALA A 147 0.76 -20.19 -12.35
C ALA A 147 1.12 -21.07 -11.17
N SER A 148 0.88 -22.37 -11.33
CA SER A 148 0.95 -23.31 -10.21
C SER A 148 2.33 -23.42 -9.53
N PHE A 149 3.41 -23.12 -10.24
CA PHE A 149 4.72 -23.19 -9.60
C PHE A 149 4.88 -22.23 -8.40
N PHE A 150 4.10 -21.15 -8.37
CA PHE A 150 4.16 -20.22 -7.25
C PHE A 150 3.95 -20.93 -5.90
N LEU A 151 3.16 -22.00 -5.91
CA LEU A 151 2.98 -22.82 -4.70
C LEU A 151 4.31 -23.22 -4.05
N ASN A 152 5.34 -23.39 -4.87
CA ASN A 152 6.66 -23.87 -4.41
C ASN A 152 7.74 -22.80 -4.20
N MET A 153 7.43 -21.52 -4.44
CA MET A 153 8.38 -20.43 -4.18
C MET A 153 8.28 -20.01 -2.71
N ARG A 154 9.02 -20.72 -1.87
CA ARG A 154 8.86 -20.64 -0.41
C ARG A 154 8.94 -19.24 0.19
N ARG A 155 9.69 -18.36 -0.47
CA ARG A 155 9.98 -17.02 0.05
C ARG A 155 9.47 -15.88 -0.82
N PHE A 156 8.51 -16.12 -1.71
CA PHE A 156 7.96 -15.02 -2.50
C PHE A 156 7.07 -14.15 -1.60
N HIS A 157 7.51 -12.93 -1.31
CA HIS A 157 6.85 -12.14 -0.29
C HIS A 157 6.55 -10.66 -0.62
N VAL A 158 7.02 -10.19 -1.77
CA VAL A 158 6.76 -8.80 -2.17
C VAL A 158 6.33 -8.74 -3.64
N LEU A 159 5.13 -8.20 -3.86
CA LEU A 159 4.55 -8.07 -5.19
C LEU A 159 3.94 -6.68 -5.28
N ASP A 160 4.37 -5.91 -6.27
CA ASP A 160 3.86 -4.55 -6.48
C ASP A 160 3.24 -4.42 -7.85
N LEU A 161 1.92 -4.24 -7.88
CA LEU A 161 1.14 -4.17 -9.11
C LEU A 161 0.56 -2.77 -9.36
N THR A 162 1.11 -1.76 -8.70
CA THR A 162 0.56 -0.40 -8.78
C THR A 162 0.36 0.10 -10.22
N PHE A 163 -0.79 0.72 -10.49
CA PHE A 163 -1.14 1.35 -11.79
C PHE A 163 -1.50 0.38 -12.93
N ASN A 164 -1.63 -0.91 -12.63
CA ASN A 164 -2.32 -1.77 -13.58
C ASN A 164 -3.81 -1.51 -13.36
N LYS A 165 -4.66 -1.67 -14.38
CA LYS A 165 -6.13 -1.65 -14.20
C LYS A 165 -6.63 -3.08 -14.01
N VAL A 166 -6.94 -3.43 -12.77
CA VAL A 166 -7.46 -4.76 -12.42
C VAL A 166 -8.87 -4.60 -11.93
N LYS A 167 -9.84 -4.97 -12.76
CA LYS A 167 -11.23 -4.74 -12.43
C LYS A 167 -11.70 -5.56 -11.22
N SER A 168 -11.09 -6.73 -10.98
CA SER A 168 -11.42 -7.54 -9.79
C SER A 168 -10.30 -8.46 -9.32
N ILE A 169 -10.30 -8.81 -8.05
CA ILE A 169 -9.42 -9.88 -7.55
C ILE A 169 -10.27 -10.98 -6.88
N CYS A 170 -10.07 -12.24 -7.26
CA CYS A 170 -10.93 -13.33 -6.78
C CYS A 170 -10.23 -14.62 -6.34
N GLU A 171 -10.91 -15.37 -5.48
CA GLU A 171 -10.35 -16.60 -4.91
C GLU A 171 -9.65 -17.42 -5.97
N GLU A 172 -10.37 -17.76 -7.05
CA GLU A 172 -9.77 -18.58 -8.09
C GLU A 172 -8.67 -17.88 -8.89
N ASP A 173 -8.61 -16.54 -8.84
CA ASP A 173 -7.51 -15.84 -9.48
C ASP A 173 -6.24 -16.14 -8.72
N LEU A 174 -6.30 -16.00 -7.40
CA LEU A 174 -5.14 -16.04 -6.52
C LEU A 174 -4.95 -17.43 -5.90
N LEU A 175 -5.44 -18.46 -6.58
CA LEU A 175 -5.40 -19.81 -6.02
C LEU A 175 -3.99 -20.27 -5.70
N ASN A 176 -3.01 -19.91 -6.52
CA ASN A 176 -1.63 -20.33 -6.27
C ASN A 176 -0.82 -19.39 -5.37
N PHE A 177 -1.49 -18.39 -4.80
CA PHE A 177 -0.88 -17.60 -3.76
C PHE A 177 -1.34 -18.11 -2.40
N GLN A 178 -2.19 -19.13 -2.37
CA GLN A 178 -2.66 -19.67 -1.11
C GLN A 178 -1.45 -20.27 -0.42
N GLY A 179 -1.32 -19.99 0.88
CA GLY A 179 -0.14 -20.39 1.65
C GLY A 179 0.91 -19.31 1.85
N LYS A 180 1.02 -18.38 0.90
CA LYS A 180 2.03 -17.35 0.98
C LYS A 180 1.86 -16.46 2.20
N HIS A 181 2.96 -15.90 2.69
CA HIS A 181 2.88 -14.72 3.54
C HIS A 181 3.54 -13.59 2.76
N PHE A 182 2.77 -12.56 2.46
CA PHE A 182 3.28 -11.39 1.76
C PHE A 182 3.62 -10.34 2.78
N THR A 183 4.84 -9.80 2.70
CA THR A 183 5.22 -8.74 3.60
C THR A 183 4.70 -7.44 3.04
N LEU A 184 4.69 -7.31 1.71
CA LEU A 184 4.07 -6.17 1.06
C LEU A 184 3.30 -6.64 -0.16
N LEU A 185 1.97 -6.68 -0.06
CA LEU A 185 1.15 -6.93 -1.24
C LEU A 185 0.59 -5.58 -1.64
N ARG A 186 1.19 -4.97 -2.65
CA ARG A 186 0.83 -3.62 -3.03
C ARG A 186 -0.13 -3.58 -4.20
N LEU A 187 -1.41 -3.39 -3.88
CA LEU A 187 -2.44 -3.33 -4.88
C LEU A 187 -2.94 -1.88 -5.06
N SER A 188 -2.01 -0.94 -5.09
CA SER A 188 -2.38 0.44 -5.10
C SER A 188 -2.78 0.93 -6.49
N SER A 189 -3.76 1.81 -6.49
CA SER A 189 -4.15 2.51 -7.68
C SER A 189 -4.41 1.56 -8.82
N ILE A 190 -5.11 0.46 -8.54
CA ILE A 190 -5.53 -0.48 -9.58
C ILE A 190 -7.06 -0.45 -9.90
N THR A 191 -7.82 0.37 -9.16
CA THR A 191 -9.24 0.63 -9.42
C THR A 191 -10.24 -0.36 -8.83
N LEU A 192 -9.97 -1.66 -8.98
CA LEU A 192 -10.95 -2.68 -8.59
C LEU A 192 -12.36 -2.24 -9.02
N GLN A 193 -12.41 -1.73 -10.24
CA GLN A 193 -13.61 -1.15 -10.83
C GLN A 193 -14.89 -1.99 -10.69
N ASP A 194 -14.79 -3.30 -10.92
CA ASP A 194 -15.95 -4.21 -10.90
C ASP A 194 -16.43 -4.57 -9.48
N MET A 195 -15.59 -4.36 -8.48
CA MET A 195 -15.95 -4.79 -7.13
C MET A 195 -16.77 -3.71 -6.40
N ASN A 196 -18.08 -3.69 -6.69
CA ASN A 196 -19.00 -2.70 -6.09
C ASN A 196 -20.43 -3.20 -5.85
N GLU A 197 -21.25 -2.37 -5.20
CA GLU A 197 -22.70 -2.60 -5.00
C GLU A 197 -23.42 -3.38 -6.09
N TYR A 198 -23.08 -3.06 -7.34
CA TYR A 198 -23.84 -3.53 -8.50
C TYR A 198 -23.30 -4.82 -9.11
N TRP A 199 -22.22 -5.35 -8.54
CA TRP A 199 -21.59 -6.55 -9.09
C TRP A 199 -22.38 -7.84 -8.76
N LEU A 200 -22.62 -8.64 -9.79
CA LEU A 200 -23.24 -9.95 -9.63
C LEU A 200 -22.19 -11.03 -9.33
N GLY A 201 -20.92 -10.67 -9.40
CA GLY A 201 -19.84 -11.64 -9.25
C GLY A 201 -19.31 -11.84 -7.84
N TRP A 202 -20.03 -11.37 -6.82
CA TRP A 202 -19.50 -11.44 -5.44
C TRP A 202 -19.48 -12.86 -4.89
N GLU A 203 -20.61 -13.57 -4.97
CA GLU A 203 -20.67 -14.93 -4.46
C GLU A 203 -19.60 -15.80 -5.11
N LYS A 204 -19.44 -15.67 -6.42
CA LYS A 204 -18.46 -16.48 -7.14
C LYS A 204 -17.01 -16.09 -6.82
N CYS A 205 -16.79 -14.82 -6.50
CA CYS A 205 -15.45 -14.29 -6.23
C CYS A 205 -14.88 -14.88 -4.94
N GLY A 206 -15.75 -15.11 -3.96
CA GLY A 206 -15.33 -15.66 -2.68
C GLY A 206 -14.37 -14.76 -1.91
N ASN A 207 -13.23 -15.35 -1.53
CA ASN A 207 -12.20 -14.69 -0.71
C ASN A 207 -10.85 -14.76 -1.41
N PRO A 208 -10.47 -13.69 -2.12
CA PRO A 208 -9.22 -13.74 -2.85
C PRO A 208 -8.03 -14.12 -1.98
N PHE A 209 -8.08 -13.78 -0.70
CA PHE A 209 -6.97 -14.09 0.19
C PHE A 209 -7.13 -15.35 1.04
N LYS A 210 -7.98 -16.28 0.62
CA LYS A 210 -8.15 -17.54 1.38
C LYS A 210 -6.76 -18.04 1.77
N ASN A 211 -6.58 -18.28 3.08
CA ASN A 211 -5.39 -18.95 3.58
C ASN A 211 -4.09 -18.24 3.18
N THR A 212 -4.16 -16.91 3.12
CA THR A 212 -3.02 -16.07 2.81
C THR A 212 -2.88 -15.07 3.94
N SER A 213 -1.65 -14.71 4.31
CA SER A 213 -1.41 -13.71 5.35
C SER A 213 -0.57 -12.57 4.80
N ILE A 214 -0.76 -11.38 5.35
CA ILE A 214 -0.16 -10.16 4.79
C ILE A 214 0.36 -9.29 5.92
N THR A 215 1.54 -8.69 5.75
CA THR A 215 1.98 -7.70 6.72
C THR A 215 1.35 -6.38 6.32
N THR A 216 1.79 -5.82 5.19
CA THR A 216 1.26 -4.54 4.71
C THR A 216 0.38 -4.78 3.46
N LEU A 217 -0.91 -4.47 3.58
CA LEU A 217 -1.83 -4.61 2.46
C LEU A 217 -2.16 -3.20 2.01
N ASP A 218 -1.70 -2.84 0.81
CA ASP A 218 -1.80 -1.48 0.31
C ASP A 218 -2.87 -1.45 -0.78
N LEU A 219 -4.04 -0.96 -0.38
CA LEU A 219 -5.17 -0.81 -1.28
C LEU A 219 -5.51 0.67 -1.45
N SER A 220 -4.51 1.54 -1.37
CA SER A 220 -4.74 2.96 -1.57
C SER A 220 -5.13 3.30 -3.00
N GLY A 221 -5.83 4.42 -3.16
CA GLY A 221 -6.11 4.95 -4.49
C GLY A 221 -7.06 4.11 -5.31
N ASN A 222 -7.96 3.39 -4.64
CA ASN A 222 -8.94 2.52 -5.32
C ASN A 222 -10.39 2.89 -5.04
N GLY A 223 -10.61 4.13 -4.58
CA GLY A 223 -11.96 4.63 -4.33
C GLY A 223 -12.55 4.21 -2.99
N PHE A 224 -12.86 2.91 -2.87
CA PHE A 224 -13.43 2.33 -1.65
C PHE A 224 -14.57 3.14 -1.05
N LYS A 225 -15.61 3.33 -1.85
CA LYS A 225 -16.91 3.79 -1.39
C LYS A 225 -17.38 2.85 -0.27
N GLU A 226 -18.08 3.41 0.71
CA GLU A 226 -18.47 2.65 1.90
C GLU A 226 -19.07 1.29 1.53
N SER A 227 -20.02 1.27 0.59
CA SER A 227 -20.61 0.02 0.15
C SER A 227 -19.63 -0.97 -0.50
N MET A 228 -18.57 -0.48 -1.14
CA MET A 228 -17.51 -1.35 -1.66
C MET A 228 -16.64 -1.89 -0.50
N ALA A 229 -16.30 -1.05 0.47
CA ALA A 229 -15.44 -1.50 1.57
C ALA A 229 -16.13 -2.64 2.33
N LYS A 230 -17.41 -2.44 2.65
CA LYS A 230 -18.14 -3.43 3.41
C LYS A 230 -18.06 -4.78 2.72
N ARG A 231 -18.43 -4.79 1.44
CA ARG A 231 -18.47 -6.03 0.70
C ARG A 231 -17.09 -6.61 0.60
N PHE A 232 -16.09 -5.77 0.35
CA PHE A 232 -14.75 -6.26 0.16
C PHE A 232 -14.20 -6.87 1.43
N PHE A 233 -14.50 -6.26 2.58
CA PHE A 233 -13.95 -6.79 3.81
C PHE A 233 -14.79 -7.94 4.39
N ASP A 234 -16.07 -8.01 4.02
CA ASP A 234 -16.82 -9.23 4.29
C ASP A 234 -16.21 -10.40 3.51
N ALA A 235 -15.88 -10.14 2.25
CA ALA A 235 -15.37 -11.19 1.36
C ALA A 235 -14.04 -11.74 1.85
N ILE A 236 -13.16 -10.85 2.31
CA ILE A 236 -11.85 -11.27 2.82
C ILE A 236 -11.84 -11.42 4.35
N ALA A 237 -13.04 -11.47 4.94
CA ALA A 237 -13.17 -11.59 6.40
C ALA A 237 -12.22 -12.65 6.93
N GLY A 238 -11.45 -12.29 7.95
CA GLY A 238 -10.59 -13.24 8.65
C GLY A 238 -9.17 -13.35 8.13
N THR A 239 -8.80 -12.48 7.18
CA THR A 239 -7.44 -12.47 6.64
C THR A 239 -6.51 -11.78 7.61
N LYS A 240 -5.42 -12.44 7.99
CA LYS A 240 -4.43 -11.79 8.88
C LYS A 240 -3.74 -10.64 8.13
N ILE A 241 -3.96 -9.42 8.59
CA ILE A 241 -3.32 -8.23 8.03
C ILE A 241 -2.71 -7.40 9.15
N GLN A 242 -1.44 -7.05 9.04
CA GLN A 242 -0.79 -6.26 10.10
C GLN A 242 -1.02 -4.78 9.90
N SER A 243 -0.93 -4.33 8.66
CA SER A 243 -1.09 -2.92 8.42
C SER A 243 -1.82 -2.66 7.07
N LEU A 244 -2.89 -1.87 7.15
CA LEU A 244 -3.88 -1.71 6.09
C LEU A 244 -3.79 -0.28 5.60
N ILE A 245 -3.46 -0.08 4.34
CA ILE A 245 -3.38 1.27 3.83
C ILE A 245 -4.56 1.51 2.91
N LEU A 246 -5.45 2.41 3.32
CA LEU A 246 -6.57 2.79 2.51
C LEU A 246 -6.54 4.27 2.26
N SER A 247 -5.35 4.85 2.14
CA SER A 247 -5.27 6.27 1.84
C SER A 247 -5.78 6.57 0.44
N ASN A 248 -6.24 7.81 0.22
CA ASN A 248 -6.81 8.22 -1.04
C ASN A 248 -7.93 7.26 -1.48
N SER A 249 -8.77 6.88 -0.53
CA SER A 249 -10.00 6.20 -0.88
C SER A 249 -10.98 7.29 -1.30
N TYR A 250 -10.85 7.71 -2.55
CA TYR A 250 -11.46 8.96 -3.04
C TYR A 250 -13.00 8.96 -3.04
N ASN A 251 -13.61 7.80 -2.78
CA ASN A 251 -15.08 7.68 -2.69
C ASN A 251 -15.59 7.41 -1.29
N MET A 252 -14.70 7.27 -0.32
CA MET A 252 -15.06 6.98 1.06
C MET A 252 -15.50 8.24 1.76
N GLY A 253 -16.69 8.21 2.31
CA GLY A 253 -17.27 9.37 2.96
C GLY A 253 -18.53 9.79 2.24
N SER A 254 -19.25 10.72 2.85
CA SER A 254 -20.57 11.11 2.39
C SER A 254 -20.54 12.41 1.61
N SER A 255 -21.67 12.70 0.96
CA SER A 255 -21.85 13.95 0.22
C SER A 255 -23.35 14.30 0.20
N PHE A 256 -23.66 15.59 0.33
CA PHE A 256 -25.00 16.12 -0.02
C PHE A 256 -25.25 16.01 -1.56
N GLY A 257 -24.16 16.04 -2.34
CA GLY A 257 -24.22 15.95 -3.81
C GLY A 257 -24.83 14.65 -4.32
N HIS A 258 -24.11 13.52 -4.14
CA HIS A 258 -24.66 12.18 -4.43
C HIS A 258 -25.16 11.50 -3.14
N THR A 259 -26.49 11.38 -3.02
CA THR A 259 -27.13 10.75 -1.85
C THR A 259 -26.59 9.35 -1.50
N ASN A 260 -26.43 8.49 -2.52
CA ASN A 260 -25.88 7.14 -2.31
C ASN A 260 -24.78 7.05 -1.25
N PHE A 261 -23.86 8.02 -1.27
CA PHE A 261 -22.55 7.92 -0.61
C PHE A 261 -22.61 8.18 0.90
N LYS A 262 -22.08 7.26 1.69
CA LYS A 262 -22.13 7.39 3.14
C LYS A 262 -20.77 7.23 3.82
N ASP A 263 -20.68 7.78 5.03
CA ASP A 263 -19.50 7.62 5.88
C ASP A 263 -19.48 6.21 6.43
N PRO A 264 -18.29 5.68 6.73
CA PRO A 264 -18.23 4.31 7.21
C PRO A 264 -18.89 4.15 8.57
N ASP A 265 -19.51 3.00 8.80
CA ASP A 265 -20.23 2.75 10.04
C ASP A 265 -19.76 1.48 10.79
N ASN A 266 -20.49 1.09 11.82
CA ASN A 266 -20.11 -0.05 12.65
C ASN A 266 -20.16 -1.39 11.93
N PHE A 267 -20.73 -1.41 10.72
CA PHE A 267 -20.74 -2.63 9.90
C PHE A 267 -19.64 -2.67 8.86
N THR A 268 -19.10 -1.50 8.50
CA THR A 268 -18.23 -1.35 7.34
C THR A 268 -17.02 -2.25 7.39
N PHE A 269 -16.29 -2.17 8.50
CA PHE A 269 -15.05 -2.93 8.64
C PHE A 269 -15.23 -4.18 9.49
N LYS A 270 -16.43 -4.74 9.54
CA LYS A 270 -16.66 -5.89 10.42
C LYS A 270 -15.85 -7.12 10.03
N GLY A 271 -15.63 -7.35 8.76
CA GLY A 271 -14.81 -8.49 8.33
C GLY A 271 -13.38 -8.49 8.87
N LEU A 272 -12.85 -7.33 9.24
CA LEU A 272 -11.48 -7.26 9.72
C LEU A 272 -11.38 -7.62 11.21
N GLU A 273 -12.49 -8.11 11.75
CA GLU A 273 -12.65 -8.45 13.19
C GLU A 273 -11.49 -9.26 13.80
N ALA A 274 -11.03 -10.26 13.06
CA ALA A 274 -10.05 -11.22 13.56
C ALA A 274 -8.76 -11.19 12.74
N SER A 275 -8.44 -10.03 12.17
CA SER A 275 -7.30 -9.85 11.28
C SER A 275 -6.04 -9.41 12.00
N GLY A 276 -6.21 -8.92 13.22
CA GLY A 276 -5.09 -8.49 14.05
C GLY A 276 -4.44 -7.23 13.51
N VAL A 277 -5.23 -6.36 12.88
CA VAL A 277 -4.67 -5.16 12.30
C VAL A 277 -4.07 -4.30 13.39
N LYS A 278 -2.81 -3.90 13.18
CA LYS A 278 -2.08 -3.05 14.12
C LYS A 278 -2.02 -1.57 13.65
N THR A 279 -2.02 -1.33 12.34
CA THR A 279 -2.03 0.07 11.87
C THR A 279 -3.02 0.21 10.71
N CYS A 280 -3.81 1.30 10.72
CA CYS A 280 -4.78 1.56 9.67
C CYS A 280 -4.67 3.01 9.22
N ASP A 281 -4.52 3.19 7.92
CA ASP A 281 -4.32 4.51 7.33
C ASP A 281 -5.53 4.80 6.46
N LEU A 282 -6.35 5.76 6.87
CA LEU A 282 -7.50 6.17 6.05
C LEU A 282 -7.32 7.63 5.69
N SER A 283 -6.07 8.08 5.64
CA SER A 283 -5.83 9.49 5.42
C SER A 283 -6.22 9.88 4.02
N LYS A 284 -6.24 11.17 3.76
CA LYS A 284 -6.44 11.70 2.41
C LYS A 284 -7.68 11.16 1.70
N SER A 285 -8.75 10.93 2.44
CA SER A 285 -9.98 10.43 1.85
C SER A 285 -11.07 11.48 1.96
N LYS A 286 -12.35 11.11 1.88
CA LYS A 286 -13.42 12.10 1.89
C LYS A 286 -14.39 11.95 3.07
N ILE A 287 -13.90 11.54 4.22
CA ILE A 287 -14.77 11.23 5.36
C ILE A 287 -15.24 12.51 6.04
N PHE A 288 -16.54 12.62 6.26
CA PHE A 288 -17.14 13.84 6.82
CA PHE A 288 -17.21 13.83 6.81
C PHE A 288 -17.53 13.66 8.29
N ALA A 289 -17.82 12.43 8.70
CA ALA A 289 -18.24 12.13 10.06
C ALA A 289 -17.67 10.82 10.53
N LEU A 290 -17.29 10.77 11.81
CA LEU A 290 -16.89 9.53 12.46
C LEU A 290 -18.08 9.03 13.29
N LEU A 291 -18.60 7.87 12.91
CA LEU A 291 -19.85 7.38 13.45
C LEU A 291 -19.65 6.44 14.65
N LYS A 292 -20.72 6.23 15.45
CA LYS A 292 -20.69 5.24 16.55
C LYS A 292 -20.02 3.92 16.11
N SER A 293 -18.87 3.61 16.72
CA SER A 293 -18.23 2.28 16.68
C SER A 293 -17.69 1.86 15.31
N VAL A 294 -17.37 2.84 14.48
CA VAL A 294 -16.82 2.56 13.16
C VAL A 294 -15.53 1.77 13.28
N PHE A 295 -14.80 1.96 14.38
CA PHE A 295 -13.48 1.32 14.56
C PHE A 295 -13.45 0.19 15.55
N SER A 296 -14.64 -0.18 16.04
CA SER A 296 -14.78 -1.15 17.14
C SER A 296 -14.45 -2.60 16.78
N HIS A 297 -14.00 -2.85 15.56
CA HIS A 297 -13.59 -4.19 15.14
C HIS A 297 -12.08 -4.35 15.06
N PHE A 298 -11.34 -3.24 15.01
CA PHE A 298 -9.89 -3.26 15.06
C PHE A 298 -9.50 -3.35 16.54
N THR A 299 -9.66 -4.51 17.14
CA THR A 299 -9.45 -4.65 18.60
C THR A 299 -7.98 -4.70 19.01
N ASP A 300 -7.08 -4.91 18.04
CA ASP A 300 -5.65 -4.88 18.31
C ASP A 300 -4.97 -3.62 17.76
N LEU A 301 -5.77 -2.63 17.35
CA LEU A 301 -5.23 -1.48 16.66
C LEU A 301 -4.28 -0.67 17.53
N GLU A 302 -3.10 -0.37 16.99
CA GLU A 302 -2.12 0.48 17.67
C GLU A 302 -1.91 1.88 17.05
N GLN A 303 -2.09 2.01 15.74
CA GLN A 303 -1.93 3.30 15.06
C GLN A 303 -3.08 3.56 14.09
N LEU A 304 -3.66 4.75 14.13
CA LEU A 304 -4.76 5.08 13.22
C LEU A 304 -4.60 6.50 12.68
N THR A 305 -4.49 6.65 11.36
CA THR A 305 -4.49 8.00 10.78
C THR A 305 -5.74 8.31 9.97
N LEU A 306 -6.42 9.40 10.33
CA LEU A 306 -7.61 9.90 9.62
C LEU A 306 -7.32 11.33 9.18
N ALA A 307 -6.02 11.63 8.99
CA ALA A 307 -5.60 12.96 8.61
C ALA A 307 -6.07 13.32 7.19
N GLN A 308 -6.34 14.61 6.97
CA GLN A 308 -6.69 15.12 5.66
C GLN A 308 -7.90 14.43 5.08
N ASN A 309 -8.93 14.27 5.92
CA ASN A 309 -10.24 13.90 5.43
C ASN A 309 -11.04 15.18 5.40
N GLU A 310 -12.34 15.13 5.58
CA GLU A 310 -13.13 16.35 5.67
C GLU A 310 -13.96 16.28 6.92
N ILE A 311 -13.38 15.76 7.98
CA ILE A 311 -14.15 15.44 9.16
C ILE A 311 -14.58 16.71 9.90
N ASN A 312 -15.87 16.87 10.11
CA ASN A 312 -16.35 17.93 10.99
C ASN A 312 -17.36 17.50 12.08
N LYS A 313 -17.51 16.21 12.27
CA LYS A 313 -18.39 15.65 13.30
C LYS A 313 -17.74 14.38 13.83
N ILE A 314 -17.55 14.29 15.15
CA ILE A 314 -17.16 13.03 15.79
C ILE A 314 -18.22 12.64 16.79
N ASP A 315 -18.86 11.50 16.58
CA ASP A 315 -19.91 11.05 17.50
C ASP A 315 -19.29 10.64 18.83
N ASP A 316 -20.07 10.74 19.92
CA ASP A 316 -19.77 9.98 21.14
C ASP A 316 -19.48 8.54 20.67
N ASN A 317 -18.45 7.90 21.21
CA ASN A 317 -18.14 6.51 20.84
C ASN A 317 -17.55 6.26 19.44
N ALA A 318 -17.05 7.28 18.77
CA ALA A 318 -16.35 7.05 17.51
C ALA A 318 -15.19 6.05 17.71
N PHE A 319 -14.61 6.05 18.90
CA PHE A 319 -13.41 5.28 19.20
C PHE A 319 -13.63 4.16 20.20
N TRP A 320 -14.87 3.66 20.31
CA TRP A 320 -15.12 2.56 21.25
C TRP A 320 -14.34 1.34 20.79
N GLY A 321 -13.64 0.70 21.74
CA GLY A 321 -12.92 -0.54 21.48
C GLY A 321 -11.49 -0.36 20.99
N LEU A 322 -10.95 0.84 21.19
CA LEU A 322 -9.56 1.16 20.79
C LEU A 322 -8.71 1.34 22.06
N THR A 323 -8.81 0.37 22.97
CA THR A 323 -8.09 0.39 24.23
C THR A 323 -6.58 0.16 24.09
N HIS A 324 -6.12 -0.38 22.97
CA HIS A 324 -4.67 -0.57 22.74
C HIS A 324 -4.04 0.51 21.86
N LEU A 325 -4.83 1.48 21.43
CA LEU A 325 -4.36 2.51 20.48
C LEU A 325 -3.30 3.45 21.07
N LYS A 326 -2.13 3.49 20.41
CA LYS A 326 -1.01 4.35 20.84
C LYS A 326 -0.97 5.68 20.12
N GLU A 327 -1.32 5.68 18.83
CA GLU A 327 -1.18 6.86 17.96
C GLU A 327 -2.46 7.17 17.15
N LEU A 328 -3.01 8.37 17.31
CA LEU A 328 -4.21 8.78 16.58
C LEU A 328 -3.99 10.11 15.90
N ALA A 329 -4.24 10.18 14.58
CA ALA A 329 -4.06 11.44 13.84
C ALA A 329 -5.39 11.93 13.29
N LEU A 330 -5.77 13.13 13.71
CA LEU A 330 -7.01 13.77 13.30
C LEU A 330 -6.78 15.15 12.68
N ASP A 331 -5.55 15.40 12.27
CA ASP A 331 -5.16 16.74 11.82
C ASP A 331 -5.62 17.05 10.42
N THR A 332 -5.75 18.32 10.10
CA THR A 332 -6.09 18.78 8.76
C THR A 332 -7.47 18.31 8.32
N ASN A 333 -8.45 18.47 9.19
CA ASN A 333 -9.84 18.24 8.81
C ASN A 333 -10.62 19.55 8.92
N GLN A 334 -11.91 19.48 9.26
CA GLN A 334 -12.73 20.69 9.40
C GLN A 334 -13.46 20.67 10.73
N LEU A 335 -12.81 20.15 11.77
CA LEU A 335 -13.37 20.09 13.13
C LEU A 335 -13.38 21.44 13.86
N LYS A 336 -14.55 21.87 14.31
CA LYS A 336 -14.65 23.01 15.21
C LYS A 336 -14.68 22.56 16.66
N SER A 337 -15.06 21.31 16.88
CA SER A 337 -15.23 20.79 18.21
C SER A 337 -15.27 19.27 18.23
N VAL A 338 -15.16 18.76 19.45
CA VAL A 338 -15.33 17.34 19.75
C VAL A 338 -16.18 17.23 20.99
N PRO A 339 -16.92 16.12 21.15
CA PRO A 339 -17.78 15.99 22.33
C PRO A 339 -17.00 15.70 23.59
N ASP A 340 -17.55 16.11 24.74
CA ASP A 340 -16.88 15.90 26.04
C ASP A 340 -16.52 14.42 26.24
N GLY A 341 -15.29 14.18 26.66
CA GLY A 341 -14.83 12.85 27.05
C GLY A 341 -14.49 11.92 25.91
N ILE A 342 -14.38 12.46 24.69
CA ILE A 342 -14.15 11.64 23.50
C ILE A 342 -12.87 10.80 23.58
N PHE A 343 -11.83 11.31 24.25
CA PHE A 343 -10.58 10.55 24.35
C PHE A 343 -10.39 9.76 25.65
N ASP A 344 -11.38 9.80 26.55
CA ASP A 344 -11.17 9.30 27.91
C ASP A 344 -10.82 7.83 27.98
N ARG A 345 -11.33 7.02 27.05
CA ARG A 345 -11.09 5.58 27.11
C ARG A 345 -9.98 5.13 26.16
N LEU A 346 -9.18 6.08 25.68
CA LEU A 346 -7.93 5.79 24.95
C LEU A 346 -6.78 5.77 25.96
N THR A 347 -6.76 4.72 26.75
CA THR A 347 -5.80 4.60 27.84
C THR A 347 -4.35 4.22 27.43
N SER A 348 -4.11 3.87 26.19
CA SER A 348 -2.73 3.62 25.77
C SER A 348 -2.21 4.71 24.85
N LEU A 349 -2.91 5.83 24.79
CA LEU A 349 -2.53 6.91 23.89
C LEU A 349 -1.15 7.50 24.24
N GLN A 350 -0.25 7.48 23.26
CA GLN A 350 1.07 8.06 23.37
C GLN A 350 1.17 9.33 22.55
N LYS A 351 0.56 9.35 21.36
CA LYS A 351 0.61 10.53 20.49
C LYS A 351 -0.74 10.81 19.81
N ILE A 352 -1.08 12.10 19.72
CA ILE A 352 -2.30 12.55 19.06
C ILE A 352 -2.01 13.82 18.24
N TRP A 353 -2.55 13.88 17.02
CA TRP A 353 -2.43 15.07 16.17
C TRP A 353 -3.79 15.74 16.01
N LEU A 354 -3.90 17.01 16.36
CA LEU A 354 -5.18 17.70 16.24
C LEU A 354 -5.06 19.05 15.51
N HIS A 355 -3.88 19.33 14.96
CA HIS A 355 -3.57 20.64 14.37
C HIS A 355 -4.23 20.85 13.00
N THR A 356 -4.12 22.06 12.46
CA THR A 356 -4.77 22.44 11.22
C THR A 356 -6.27 22.06 11.22
N ASN A 357 -6.95 22.38 12.30
CA ASN A 357 -8.41 22.32 12.35
C ASN A 357 -8.90 23.64 12.88
N PRO A 358 -10.06 24.12 12.38
CA PRO A 358 -10.61 25.41 12.81
C PRO A 358 -11.29 25.33 14.18
N TRP A 359 -10.50 25.16 15.22
CA TRP A 359 -11.11 24.96 16.54
C TRP A 359 -11.84 26.21 17.03
N ASP A 360 -13.03 26.01 17.58
CA ASP A 360 -13.82 27.10 18.18
C ASP A 360 -13.55 27.10 19.67
N CYS A 361 -12.96 28.19 20.15
CA CYS A 361 -12.44 28.24 21.51
C CYS A 361 -13.34 29.05 22.42
N SER A 362 -14.58 29.26 21.98
CA SER A 362 -15.63 29.82 22.83
C SER A 362 -15.75 29.00 24.09
N CYS A 363 -16.07 29.67 25.18
CA CYS A 363 -16.34 28.96 26.42
C CYS A 363 -17.85 28.91 26.61
N PRO A 364 -18.35 27.82 27.22
CA PRO A 364 -17.63 26.64 27.70
C PRO A 364 -17.45 25.48 26.69
N ARG A 365 -17.69 25.69 25.40
CA ARG A 365 -17.54 24.60 24.43
C ARG A 365 -16.14 23.96 24.45
N ILE A 366 -15.09 24.79 24.51
CA ILE A 366 -13.69 24.34 24.43
C ILE A 366 -13.08 23.84 25.76
N ASP A 367 -13.89 23.80 26.81
CA ASP A 367 -13.40 23.49 28.15
C ASP A 367 -12.75 22.10 28.24
N TYR A 368 -13.42 21.06 27.75
CA TYR A 368 -12.84 19.71 27.83
C TYR A 368 -11.56 19.58 26.99
N LEU A 369 -11.59 20.06 25.74
CA LEU A 369 -10.43 19.83 24.87
C LEU A 369 -9.23 20.60 25.34
N SER A 370 -9.45 21.81 25.82
CA SER A 370 -8.36 22.65 26.31
C SER A 370 -7.70 22.02 27.53
N ARG A 371 -8.50 21.67 28.53
CA ARG A 371 -7.95 21.03 29.73
C ARG A 371 -7.24 19.72 29.40
N TRP A 372 -7.89 18.87 28.61
CA TRP A 372 -7.28 17.63 28.15
C TRP A 372 -5.94 17.87 27.43
N LEU A 373 -5.93 18.76 26.44
CA LEU A 373 -4.68 19.04 25.73
C LEU A 373 -3.57 19.54 26.66
N ASN A 374 -3.94 20.14 27.80
CA ASN A 374 -2.93 20.56 28.76
C ASN A 374 -2.42 19.41 29.62
N LYS A 375 -3.34 18.58 30.12
CA LYS A 375 -2.98 17.41 30.93
C LYS A 375 -2.13 16.44 30.08
N ASN A 376 -2.37 16.44 28.78
CA ASN A 376 -1.70 15.52 27.88
C ASN A 376 -0.81 16.22 26.85
N SER A 377 -0.25 17.37 27.24
CA SER A 377 0.60 18.15 26.35
C SER A 377 1.80 17.37 25.83
N GLN A 378 2.25 16.36 26.55
CA GLN A 378 3.41 15.57 26.10
C GLN A 378 3.03 14.65 24.96
N LYS A 379 1.72 14.44 24.77
CA LYS A 379 1.19 13.58 23.72
C LYS A 379 0.85 14.33 22.43
N GLU A 380 0.53 15.62 22.54
CA GLU A 380 0.11 16.36 21.34
C GLU A 380 1.28 16.65 20.41
N GLN A 381 1.20 16.13 19.19
CA GLN A 381 2.21 16.40 18.17
C GLN A 381 1.77 17.59 17.32
N GLY A 382 2.63 18.59 17.22
CA GLY A 382 2.17 19.85 16.68
C GLY A 382 1.24 20.46 17.70
N SER A 383 0.53 21.49 17.25
CA SER A 383 -0.18 22.39 18.13
C SER A 383 -1.52 22.81 17.53
N ALA A 384 -2.61 22.23 18.05
CA ALA A 384 -3.94 22.67 17.69
C ALA A 384 -4.13 24.14 18.09
N LYS A 385 -4.68 24.96 17.19
CA LYS A 385 -4.89 26.38 17.45
C LYS A 385 -6.38 26.81 17.37
N CYS A 386 -6.70 27.91 18.05
CA CYS A 386 -8.04 28.45 18.02
C CYS A 386 -8.24 29.21 16.72
N SER A 387 -9.40 29.06 16.09
CA SER A 387 -9.72 29.88 14.92
C SER A 387 -9.91 31.33 15.37
N GLY A 388 -9.52 32.26 14.51
CA GLY A 388 -9.58 33.69 14.85
C GLY A 388 -8.36 34.15 15.63
N SER A 389 -8.32 33.88 16.94
CA SER A 389 -7.20 34.31 17.77
C SER A 389 -5.85 33.66 17.41
N GLY A 390 -5.87 32.37 17.05
CA GLY A 390 -4.64 31.68 16.71
C GLY A 390 -3.85 31.22 17.93
N LYS A 391 -4.36 31.48 19.13
CA LYS A 391 -3.75 30.96 20.35
C LYS A 391 -3.84 29.41 20.34
N PRO A 392 -2.96 28.72 21.07
CA PRO A 392 -3.11 27.28 21.17
C PRO A 392 -4.27 26.86 22.06
N VAL A 393 -5.05 25.86 21.62
CA VAL A 393 -6.16 25.33 22.42
C VAL A 393 -5.73 24.85 23.79
N ARG A 394 -4.47 24.43 23.89
CA ARG A 394 -3.81 24.07 25.15
C ARG A 394 -3.91 25.16 26.26
N SER A 395 -3.90 26.43 25.86
CA SER A 395 -3.75 27.55 26.78
C SER A 395 -5.07 28.15 27.25
N ILE A 396 -6.19 27.68 26.72
CA ILE A 396 -7.48 28.27 27.02
C ILE A 396 -8.01 27.79 28.36
N ILE A 397 -8.19 28.71 29.31
CA ILE A 397 -8.78 28.38 30.60
C ILE A 397 -10.18 28.95 30.61
N CYS A 398 -11.18 28.08 30.53
CA CYS A 398 -12.56 28.57 30.53
C CYS A 398 -13.01 28.98 31.92
N PRO A 399 -13.72 30.13 32.02
CA PRO A 399 -14.37 30.41 33.29
C PRO A 399 -15.32 29.31 33.67
N THR A 400 -15.51 29.16 34.95
CA THR A 400 -16.34 28.11 35.51
C THR A 400 -17.77 28.67 35.67
N SER A 401 -18.79 27.81 35.52
CA SER A 401 -20.17 28.26 35.60
C SER A 401 -20.44 28.72 37.01
N ALA A 402 -21.16 29.82 37.14
CA ALA A 402 -21.30 30.52 38.40
C ALA A 402 -21.88 29.66 39.52
N SER A 403 -22.78 28.72 39.21
CA SER A 403 -23.42 27.90 40.25
C SER A 403 -22.48 26.88 40.92
N LEU A 404 -21.39 26.53 40.24
CA LEU A 404 -20.45 25.53 40.76
C LEU A 404 -19.50 26.13 41.77
N VAL A 405 -19.38 27.44 41.79
CA VAL A 405 -18.55 28.14 42.78
C VAL A 405 -19.37 29.26 43.44
N PRO A 406 -20.36 28.87 44.25
CA PRO A 406 -21.30 29.86 44.74
C PRO A 406 -20.69 30.88 45.69
N ARG A 407 -21.18 32.10 45.58
CA ARG A 407 -20.86 33.20 46.51
C ARG A 407 -21.39 32.88 47.86
#